data_6BD0
#
_entry.id   6BD0
#
_cell.length_a   41.880
_cell.length_b   66.740
_cell.length_c   159.830
_cell.angle_alpha   90.00
_cell.angle_beta   90.00
_cell.angle_gamma   90.00
#
_symmetry.space_group_name_H-M   'P 21 21 21'
#
loop_
_entity.id
_entity.type
_entity.pdbx_description
1 polymer 'Ribosomal protein 3/homing endonuclease-like protein fusion'
2 polymer 'DNA (25-MER)'
3 polymer 'DNA (25-MER)'
4 non-polymer 'CALCIUM ION'
5 water water
#
loop_
_entity_poly.entity_id
_entity_poly.type
_entity_poly.pdbx_seq_one_letter_code
_entity_poly.pdbx_strand_id
1 'polypeptide(L)'
;ESRRESINPWILTGFADAEGSFLLRIRNNNKSSVGYSTELGFQITLHNKDKSILENIQSTWKVGVIANSGDNAVSLKVTR
FEDLKVIIDHFEKYPLITQKLGDYMLFKQAFCVMENKEHLKINGIKELVRIKAKLNWGLTDELKKAFPEIISKERSLINK
NIPNFKWLAGFTSGEGCFFVNLIKSKSKLGVQVQLVFSITQHIKDKNLMNSLITYLGCGYIKEYNKSEFSWLAFVVTKFS
DINDKIIPVFQENTLIGVKLEDFEDWCKVAKLIEEKKHLTESGLDEIKKIKLNMNKGRVF
;
A
2 'polydeoxyribonucleotide'
;(DC)(DT)(DT)(DT)(DC)(DC)(DA)(DC)(DT)(DT)(DA)(DT)(DT)(DC)(DA)(DA)(DC)(DC)(DT)(DT)
(DT)(DT)(DA)(DC)(DC)
;
B
3 'polydeoxyribonucleotide'
;(DG)(DG)(DT)(DA)(DA)(DA)(DA)(DG)(DG)(DT)(DT)(DG)(DA)(DA)(DT)(DA)(DA)(DG)(DT)(DG)
(DG)(DA)(DA)(DA)(DG)
;
C
#
# COMPACT_ATOMS: atom_id res chain seq x y z
N GLU A 1 -6.24 9.81 18.34
CA GLU A 1 -6.17 11.05 19.08
C GLU A 1 -5.54 12.25 18.32
N SER A 2 -4.84 12.00 17.20
CA SER A 2 -4.26 13.09 16.39
C SER A 2 -5.25 14.22 16.08
N ARG A 3 -4.80 15.46 16.19
CA ARG A 3 -5.61 16.59 15.82
C ARG A 3 -5.22 17.11 14.45
N ARG A 4 -4.40 16.35 13.73
CA ARG A 4 -4.06 16.68 12.34
C ARG A 4 -5.32 16.53 11.47
N GLU A 5 -5.40 17.21 10.32
CA GLU A 5 -6.57 17.08 9.45
C GLU A 5 -6.78 15.62 9.05
N SER A 6 -8.03 15.22 8.87
CA SER A 6 -8.31 13.82 8.59
C SER A 6 -7.82 13.47 7.18
N ILE A 7 -7.50 12.21 6.95
CA ILE A 7 -7.08 11.77 5.62
C ILE A 7 -8.30 11.60 4.66
N ASN A 8 -8.15 12.06 3.45
CA ASN A 8 -9.22 11.90 2.46
C ASN A 8 -9.53 10.43 2.28
N PRO A 9 -10.82 10.05 2.17
CA PRO A 9 -11.17 8.61 2.15
C PRO A 9 -10.63 7.88 0.95
N TRP A 10 -10.52 8.50 -0.21
CA TRP A 10 -9.91 7.81 -1.33
C TRP A 10 -8.41 7.68 -1.18
N ILE A 11 -7.77 8.69 -0.60
CA ILE A 11 -6.33 8.54 -0.33
C ILE A 11 -6.13 7.36 0.64
N LEU A 12 -7.01 7.24 1.61
CA LEU A 12 -6.91 6.16 2.56
C LEU A 12 -7.13 4.80 1.85
N THR A 13 -8.17 4.69 1.00
CA THR A 13 -8.32 3.42 0.25
C THR A 13 -7.10 3.11 -0.59
N GLY A 14 -6.54 4.07 -1.30
CA GLY A 14 -5.34 3.78 -2.10
C GLY A 14 -4.16 3.33 -1.22
N PHE A 15 -3.98 3.99 -0.06
CA PHE A 15 -2.91 3.60 0.87
C PHE A 15 -3.17 2.20 1.42
N ALA A 16 -4.42 1.84 1.68
CA ALA A 16 -4.74 0.49 2.12
C ALA A 16 -4.52 -0.54 1.01
N ASP A 17 -4.84 -0.23 -0.25
CA ASP A 17 -4.55 -1.13 -1.39
C ASP A 17 -3.06 -1.40 -1.44
N ALA A 18 -2.24 -0.40 -1.08
CA ALA A 18 -0.78 -0.59 -1.04
C ALA A 18 -0.31 -1.36 0.21
N GLU A 19 -0.70 -0.91 1.40
CA GLU A 19 0.00 -1.32 2.62
C GLU A 19 -0.89 -2.07 3.62
N GLY A 20 -2.19 -2.12 3.38
CA GLY A 20 -3.04 -2.77 4.37
C GLY A 20 -3.07 -4.29 4.20
N SER A 21 -3.73 -4.91 5.19
CA SER A 21 -3.88 -6.37 5.24
C SER A 21 -5.08 -6.71 6.08
N PHE A 22 -5.80 -7.73 5.66
CA PHE A 22 -6.90 -8.28 6.46
C PHE A 22 -6.45 -9.51 7.21
N LEU A 23 -6.98 -9.71 8.40
CA LEU A 23 -6.52 -10.82 9.21
C LEU A 23 -7.68 -11.65 9.75
N LEU A 24 -7.46 -12.95 9.73
CA LEU A 24 -8.44 -13.87 10.35
C LEU A 24 -7.65 -14.91 11.11
N ARG A 25 -7.64 -14.78 12.44
CA ARG A 25 -6.98 -15.77 13.31
C ARG A 25 -8.03 -16.80 13.71
N ILE A 26 -7.69 -18.06 13.50
CA ILE A 26 -8.53 -19.18 13.95
C ILE A 26 -7.59 -20.02 14.82
N ARG A 27 -7.69 -19.87 16.13
CA ARG A 27 -6.66 -20.34 17.08
C ARG A 27 -7.15 -21.52 17.94
N ASN A 28 -6.33 -22.56 18.02
CA ASN A 28 -6.56 -23.59 19.05
C ASN A 28 -6.70 -22.96 20.40
N ASN A 29 -7.81 -23.24 21.10
CA ASN A 29 -8.03 -22.60 22.38
C ASN A 29 -8.86 -23.55 23.24
N ASN A 30 -8.22 -24.22 24.19
CA ASN A 30 -8.99 -25.24 24.93
C ASN A 30 -9.91 -24.68 25.98
N LYS A 31 -9.98 -23.37 26.12
CA LYS A 31 -10.94 -22.73 26.98
C LYS A 31 -12.18 -22.27 26.24
N SER A 32 -12.16 -22.43 24.92
CA SER A 32 -13.34 -22.07 24.11
C SER A 32 -14.25 -23.30 24.00
N SER A 33 -15.54 -23.03 23.96
CA SER A 33 -16.56 -24.09 23.94
C SER A 33 -16.34 -24.95 22.68
N VAL A 34 -15.99 -24.35 21.54
CA VAL A 34 -15.76 -25.13 20.32
C VAL A 34 -14.31 -25.63 20.17
N GLY A 35 -13.44 -25.21 21.06
CA GLY A 35 -12.03 -25.59 20.94
C GLY A 35 -11.18 -24.60 20.17
N TYR A 36 -11.81 -23.53 19.63
CA TYR A 36 -11.06 -22.53 18.82
C TYR A 36 -11.60 -21.19 19.24
N SER A 37 -10.72 -20.17 19.22
CA SER A 37 -11.18 -18.81 19.31
C SER A 37 -10.78 -18.09 18.03
N THR A 38 -11.44 -16.95 17.77
CA THR A 38 -11.12 -16.23 16.52
C THR A 38 -10.82 -14.79 16.82
N GLU A 39 -10.24 -14.16 15.81
CA GLU A 39 -9.99 -12.71 15.86
C GLU A 39 -9.99 -12.22 14.42
N LEU A 40 -10.78 -11.16 14.13
CA LEU A 40 -10.93 -10.69 12.77
C LEU A 40 -10.43 -9.23 12.76
N GLY A 41 -9.75 -8.84 11.67
CA GLY A 41 -9.31 -7.44 11.66
C GLY A 41 -8.70 -6.91 10.38
N PHE A 42 -8.25 -5.68 10.51
CA PHE A 42 -7.53 -5.01 9.42
C PHE A 42 -6.29 -4.40 10.03
N GLN A 43 -5.13 -4.40 9.34
CA GLN A 43 -3.93 -3.81 9.94
C GLN A 43 -3.01 -3.22 8.90
N ILE A 44 -2.18 -2.27 9.37
CA ILE A 44 -1.15 -1.63 8.56
C ILE A 44 0.11 -1.57 9.40
N THR A 45 1.22 -2.03 8.84
CA THR A 45 2.53 -1.95 9.55
C THR A 45 3.49 -1.11 8.70
N LEU A 46 4.06 -0.07 9.31
CA LEU A 46 5.01 0.84 8.63
C LEU A 46 6.29 0.98 9.42
N HIS A 47 7.31 1.50 8.73
CA HIS A 47 8.45 2.00 9.49
C HIS A 47 8.07 3.09 10.51
N ASN A 48 8.77 3.10 11.65
CA ASN A 48 8.60 4.11 12.68
C ASN A 48 8.50 5.55 12.16
N LYS A 49 9.30 5.84 11.13
CA LYS A 49 9.31 7.22 10.60
C LYS A 49 7.92 7.69 10.10
N ASP A 50 7.00 6.73 9.88
CA ASP A 50 5.68 7.04 9.37
C ASP A 50 4.59 6.69 10.37
N LYS A 51 4.95 6.62 11.67
CA LYS A 51 3.95 6.44 12.70
C LYS A 51 2.85 7.47 12.63
N SER A 52 3.18 8.69 12.20
N SER A 52 3.16 8.70 12.18
CA SER A 52 2.17 9.74 12.09
CA SER A 52 2.13 9.73 12.16
C SER A 52 1.03 9.33 11.18
C SER A 52 1.02 9.41 11.13
N ILE A 53 1.35 8.67 10.06
CA ILE A 53 0.27 8.21 9.16
C ILE A 53 -0.71 7.31 9.93
N LEU A 54 -0.17 6.40 10.73
CA LEU A 54 -1.06 5.51 11.49
C LEU A 54 -1.93 6.29 12.46
N GLU A 55 -1.33 7.30 13.11
CA GLU A 55 -2.11 8.11 14.04
C GLU A 55 -3.20 8.82 13.29
N ASN A 56 -2.85 9.29 12.10
CA ASN A 56 -3.81 10.05 11.35
C ASN A 56 -4.95 9.15 10.83
N ILE A 57 -4.62 7.88 10.52
CA ILE A 57 -5.72 6.97 10.13
C ILE A 57 -6.58 6.63 11.36
N GLN A 58 -5.93 6.41 12.49
CA GLN A 58 -6.64 6.11 13.70
C GLN A 58 -7.64 7.22 14.01
N SER A 59 -7.21 8.49 13.82
CA SER A 59 -8.07 9.60 14.20
C SER A 59 -9.13 9.84 13.14
N THR A 60 -8.85 9.45 11.90
CA THR A 60 -9.85 9.61 10.83
C THR A 60 -11.04 8.63 11.01
N TRP A 61 -10.75 7.36 11.22
CA TRP A 61 -11.73 6.31 11.42
C TRP A 61 -12.22 6.24 12.87
N LYS A 62 -11.43 6.82 13.77
CA LYS A 62 -11.73 6.84 15.21
C LYS A 62 -11.70 5.42 15.80
N VAL A 63 -10.88 4.53 15.25
CA VAL A 63 -10.80 3.15 15.71
C VAL A 63 -9.34 2.68 15.54
N GLY A 64 -9.02 1.56 16.17
CA GLY A 64 -7.73 0.89 16.01
C GLY A 64 -6.79 1.20 17.14
N VAL A 65 -5.82 0.32 17.34
CA VAL A 65 -4.80 0.52 18.37
C VAL A 65 -3.41 0.45 17.71
N ILE A 66 -2.47 1.23 18.28
CA ILE A 66 -1.14 1.37 17.73
C ILE A 66 -0.13 0.76 18.68
N ALA A 67 0.74 -0.08 18.16
CA ALA A 67 1.78 -0.70 18.98
C ALA A 67 3.05 -0.87 18.15
N ASN A 68 4.19 -0.95 18.83
CA ASN A 68 5.46 -1.29 18.16
C ASN A 68 5.40 -2.68 17.53
N SER A 69 6.06 -2.82 16.40
CA SER A 69 6.33 -4.11 15.75
C SER A 69 7.85 -4.23 15.67
N GLY A 70 8.49 -4.76 16.73
CA GLY A 70 9.95 -4.63 16.83
C GLY A 70 10.43 -3.19 17.07
N ASP A 71 11.74 -2.95 16.88
CA ASP A 71 12.32 -1.68 17.25
C ASP A 71 12.24 -0.65 16.13
N ASN A 72 11.87 -1.09 14.92
CA ASN A 72 11.95 -0.19 13.74
C ASN A 72 10.66 -0.04 12.99
N ALA A 73 9.60 -0.62 13.52
CA ALA A 73 8.29 -0.53 12.84
C ALA A 73 7.16 -0.45 13.85
N VAL A 74 5.98 -0.13 13.32
CA VAL A 74 4.85 0.16 14.17
C VAL A 74 3.60 -0.23 13.40
N SER A 75 2.62 -0.77 14.13
CA SER A 75 1.36 -1.20 13.49
C SER A 75 0.13 -0.44 14.01
N LEU A 76 -0.87 -0.33 13.13
CA LEU A 76 -2.25 0.01 13.49
C LEU A 76 -3.04 -1.24 13.23
N LYS A 77 -3.66 -1.77 14.30
CA LYS A 77 -4.52 -2.96 14.21
C LYS A 77 -5.93 -2.60 14.61
N VAL A 78 -6.89 -3.02 13.80
CA VAL A 78 -8.31 -2.85 14.15
C VAL A 78 -8.88 -4.25 14.30
N THR A 79 -9.19 -4.73 15.52
CA THR A 79 -9.85 -6.03 15.66
C THR A 79 -11.04 -5.99 16.61
N ARG A 80 -11.24 -4.90 17.36
CA ARG A 80 -12.47 -4.80 18.19
C ARG A 80 -13.68 -4.93 17.28
N PHE A 81 -14.57 -5.87 17.56
CA PHE A 81 -15.53 -6.30 16.55
C PHE A 81 -16.44 -5.17 16.10
N GLU A 82 -17.02 -4.41 17.03
CA GLU A 82 -17.89 -3.30 16.62
C GLU A 82 -17.18 -2.28 15.77
N ASP A 83 -15.89 -2.13 16.00
CA ASP A 83 -15.14 -1.15 15.19
C ASP A 83 -14.90 -1.63 13.76
N LEU A 84 -15.03 -2.93 13.52
CA LEU A 84 -14.91 -3.46 12.15
C LEU A 84 -16.02 -2.91 11.25
N LYS A 85 -17.14 -2.51 11.84
CA LYS A 85 -18.20 -1.89 11.04
C LYS A 85 -17.71 -0.60 10.37
N VAL A 86 -16.78 0.14 11.03
CA VAL A 86 -16.27 1.38 10.41
C VAL A 86 -15.42 0.98 9.19
N ILE A 87 -14.63 -0.06 9.34
CA ILE A 87 -13.82 -0.61 8.24
C ILE A 87 -14.69 -1.09 7.04
N ILE A 88 -15.75 -1.86 7.31
CA ILE A 88 -16.68 -2.27 6.27
C ILE A 88 -17.39 -1.10 5.64
N ASP A 89 -17.85 -0.12 6.42
CA ASP A 89 -18.59 0.98 5.82
C ASP A 89 -17.62 1.75 4.91
N HIS A 90 -16.38 1.88 5.34
CA HIS A 90 -15.44 2.60 4.54
C HIS A 90 -15.17 1.92 3.19
N PHE A 91 -14.84 0.62 3.25
CA PHE A 91 -14.49 -0.04 2.00
C PHE A 91 -15.70 -0.40 1.13
N GLU A 92 -16.91 -0.33 1.68
CA GLU A 92 -18.07 -0.47 0.82
C GLU A 92 -18.24 0.81 0.05
N LYS A 93 -17.97 1.96 0.68
CA LYS A 93 -18.22 3.28 0.00
C LYS A 93 -17.04 3.70 -0.90
N TYR A 94 -15.80 3.36 -0.48
CA TYR A 94 -14.60 3.71 -1.20
C TYR A 94 -13.80 2.43 -1.53
N PRO A 95 -14.20 1.67 -2.55
CA PRO A 95 -13.67 0.29 -2.59
C PRO A 95 -12.24 0.14 -3.09
N LEU A 96 -11.58 -0.89 -2.54
CA LEU A 96 -10.26 -1.35 -3.03
C LEU A 96 -10.33 -1.85 -4.46
N ILE A 97 -9.24 -1.73 -5.21
CA ILE A 97 -9.21 -2.20 -6.57
C ILE A 97 -8.08 -3.17 -6.93
N THR A 98 -7.11 -3.40 -6.02
CA THR A 98 -6.09 -4.42 -6.32
C THR A 98 -6.67 -5.82 -5.98
N GLN A 99 -5.81 -6.86 -6.12
CA GLN A 99 -6.32 -8.17 -5.75
C GLN A 99 -6.71 -8.22 -4.29
N LYS A 100 -6.29 -7.23 -3.50
CA LYS A 100 -6.62 -7.17 -2.07
C LYS A 100 -8.13 -7.01 -1.88
N LEU A 101 -8.86 -6.53 -2.90
CA LEU A 101 -10.33 -6.52 -2.82
C LEU A 101 -10.84 -7.91 -2.49
N GLY A 102 -10.24 -8.96 -3.06
CA GLY A 102 -10.68 -10.34 -2.75
C GLY A 102 -10.48 -10.65 -1.26
N ASP A 103 -9.39 -10.20 -0.64
CA ASP A 103 -9.21 -10.39 0.79
C ASP A 103 -10.23 -9.59 1.62
N TYR A 104 -10.60 -8.36 1.16
CA TYR A 104 -11.63 -7.60 1.86
C TYR A 104 -12.93 -8.40 1.78
N MET A 105 -13.22 -9.02 0.61
CA MET A 105 -14.50 -9.70 0.54
C MET A 105 -14.56 -10.88 1.45
N LEU A 106 -13.41 -11.53 1.63
CA LEU A 106 -13.38 -12.71 2.53
C LEU A 106 -13.52 -12.20 3.98
N PHE A 107 -12.88 -11.08 4.33
CA PHE A 107 -13.08 -10.47 5.63
C PHE A 107 -14.52 -10.15 5.89
N LYS A 108 -15.24 -9.68 4.86
CA LYS A 108 -16.62 -9.29 5.10
C LYS A 108 -17.45 -10.54 5.30
N GLN A 109 -17.12 -11.62 4.58
CA GLN A 109 -17.87 -12.88 4.80
C GLN A 109 -17.66 -13.34 6.25
N ALA A 110 -16.42 -13.23 6.74
CA ALA A 110 -16.11 -13.66 8.08
C ALA A 110 -16.83 -12.79 9.07
N PHE A 111 -16.92 -11.48 8.79
CA PHE A 111 -17.63 -10.61 9.70
C PHE A 111 -19.07 -11.10 9.85
N CYS A 112 -19.68 -11.49 8.73
CA CYS A 112 -21.09 -11.90 8.83
CA CYS A 112 -21.08 -11.96 8.75
C CYS A 112 -21.23 -13.17 9.66
N VAL A 113 -20.26 -14.09 9.58
CA VAL A 113 -20.29 -15.30 10.39
C VAL A 113 -20.20 -14.90 11.88
N MET A 114 -19.31 -13.98 12.21
CA MET A 114 -19.05 -13.70 13.61
C MET A 114 -20.14 -12.79 14.18
N GLU A 115 -20.75 -11.98 13.33
CA GLU A 115 -21.78 -11.08 13.84
C GLU A 115 -22.97 -11.90 14.36
N ASN A 116 -23.25 -13.00 13.68
CA ASN A 116 -24.26 -13.97 14.08
C ASN A 116 -23.84 -14.91 15.17
N LYS A 117 -22.62 -14.72 15.67
CA LYS A 117 -22.05 -15.58 16.73
C LYS A 117 -21.92 -17.06 16.30
N GLU A 118 -21.96 -17.32 14.98
CA GLU A 118 -21.84 -18.67 14.46
C GLU A 118 -20.47 -19.32 14.73
N HIS A 119 -19.42 -18.51 14.90
CA HIS A 119 -18.06 -19.00 15.14
C HIS A 119 -17.85 -19.58 16.52
N LEU A 120 -18.86 -19.47 17.39
CA LEU A 120 -18.81 -20.10 18.70
C LEU A 120 -19.24 -21.59 18.67
N LYS A 121 -19.64 -22.05 17.48
CA LYS A 121 -20.05 -23.43 17.22
C LYS A 121 -19.30 -24.01 16.01
N ILE A 122 -19.22 -25.34 15.91
CA ILE A 122 -18.32 -25.94 14.92
C ILE A 122 -18.69 -25.67 13.47
N ASN A 123 -19.98 -25.54 13.13
CA ASN A 123 -20.36 -25.16 11.78
C ASN A 123 -19.74 -23.79 11.38
N GLY A 124 -19.74 -22.86 12.34
CA GLY A 124 -19.19 -21.51 12.07
C GLY A 124 -17.69 -21.55 11.92
N ILE A 125 -17.01 -22.29 12.77
CA ILE A 125 -15.56 -22.48 12.61
C ILE A 125 -15.27 -23.08 11.22
N LYS A 126 -16.02 -24.08 10.79
CA LYS A 126 -15.75 -24.69 9.49
C LYS A 126 -15.93 -23.65 8.37
N GLU A 127 -16.97 -22.82 8.48
CA GLU A 127 -17.19 -21.79 7.46
C GLU A 127 -16.01 -20.77 7.48
N LEU A 128 -15.53 -20.37 8.68
CA LEU A 128 -14.36 -19.50 8.75
C LEU A 128 -13.12 -20.16 8.19
N VAL A 129 -12.91 -21.47 8.36
CA VAL A 129 -11.72 -22.10 7.83
C VAL A 129 -11.84 -22.11 6.28
N ARG A 130 -13.05 -22.34 5.76
CA ARG A 130 -13.26 -22.27 4.30
C ARG A 130 -12.88 -20.87 3.76
N ILE A 131 -13.36 -19.87 4.47
CA ILE A 131 -13.01 -18.47 4.12
C ILE A 131 -11.51 -18.22 4.22
N LYS A 132 -10.87 -18.62 5.30
CA LYS A 132 -9.45 -18.37 5.52
C LYS A 132 -8.57 -19.09 4.49
N ALA A 133 -9.04 -20.21 3.95
CA ALA A 133 -8.24 -20.93 2.95
C ALA A 133 -7.87 -20.09 1.72
N LYS A 134 -8.70 -19.10 1.43
CA LYS A 134 -8.59 -18.25 0.25
C LYS A 134 -7.99 -16.90 0.63
N LEU A 135 -7.86 -16.66 1.94
CA LEU A 135 -7.45 -15.35 2.45
C LEU A 135 -5.93 -15.27 2.53
N ASN A 136 -5.31 -14.31 1.86
CA ASN A 136 -3.86 -14.11 1.99
C ASN A 136 -3.07 -15.41 1.74
N TRP A 137 -2.29 -15.88 2.71
CA TRP A 137 -1.43 -17.05 2.47
C TRP A 137 -2.17 -18.35 2.81
N GLY A 138 -3.41 -18.27 3.27
CA GLY A 138 -4.23 -19.48 3.37
C GLY A 138 -4.10 -20.22 4.69
N LEU A 139 -4.44 -21.49 4.67
CA LEU A 139 -4.47 -22.25 5.90
C LEU A 139 -3.05 -22.56 6.45
N THR A 140 -2.95 -22.53 7.77
CA THR A 140 -1.80 -23.07 8.46
C THR A 140 -1.77 -24.60 8.38
N ASP A 141 -0.59 -25.18 8.55
CA ASP A 141 -0.48 -26.63 8.67
C ASP A 141 -1.48 -27.24 9.65
N GLU A 142 -1.66 -26.65 10.83
CA GLU A 142 -2.57 -27.21 11.84
C GLU A 142 -4.03 -27.18 11.35
N LEU A 143 -4.43 -26.11 10.67
CA LEU A 143 -5.80 -26.07 10.21
C LEU A 143 -5.97 -27.06 9.03
N LYS A 144 -4.94 -27.24 8.22
CA LYS A 144 -5.05 -28.20 7.12
C LYS A 144 -5.26 -29.61 7.73
N LYS A 145 -4.55 -29.87 8.83
CA LYS A 145 -4.66 -31.19 9.47
C LYS A 145 -6.05 -31.39 10.07
N ALA A 146 -6.58 -30.35 10.71
CA ALA A 146 -7.88 -30.47 11.37
C ALA A 146 -9.03 -30.46 10.37
N PHE A 147 -8.84 -29.83 9.20
CA PHE A 147 -9.95 -29.67 8.26
C PHE A 147 -9.56 -30.13 6.85
N PRO A 148 -9.21 -31.42 6.68
CA PRO A 148 -8.65 -31.92 5.41
C PRO A 148 -9.65 -31.85 4.28
N GLU A 149 -10.92 -31.65 4.54
CA GLU A 149 -11.96 -31.60 3.51
C GLU A 149 -11.97 -30.26 2.78
N ILE A 150 -11.24 -29.28 3.32
CA ILE A 150 -11.18 -27.95 2.69
C ILE A 150 -10.04 -27.93 1.71
N ILE A 151 -10.37 -27.84 0.43
CA ILE A 151 -9.35 -27.84 -0.61
C ILE A 151 -8.85 -26.40 -0.89
N SER A 152 -7.53 -26.25 -1.03
CA SER A 152 -7.02 -24.92 -1.36
C SER A 152 -7.06 -24.72 -2.88
N LYS A 153 -7.92 -23.79 -3.33
CA LYS A 153 -8.10 -23.49 -4.77
C LYS A 153 -7.81 -22.02 -5.04
N GLU A 154 -7.29 -21.75 -6.25
CA GLU A 154 -6.91 -20.41 -6.66
C GLU A 154 -8.14 -19.52 -6.84
N ARG A 155 -7.95 -18.25 -6.52
CA ARG A 155 -8.99 -17.23 -6.53
C ARG A 155 -9.15 -16.67 -7.94
N SER A 156 -10.37 -16.26 -8.28
CA SER A 156 -10.58 -15.52 -9.52
C SER A 156 -9.83 -14.20 -9.49
N LEU A 157 -9.32 -13.77 -10.63
CA LEU A 157 -8.67 -12.48 -10.78
C LEU A 157 -9.65 -11.30 -10.58
N ILE A 158 -9.27 -10.30 -9.78
CA ILE A 158 -10.00 -9.01 -9.65
C ILE A 158 -9.57 -8.09 -10.81
N ASN A 159 -10.54 -7.47 -11.48
CA ASN A 159 -10.24 -6.55 -12.61
C ASN A 159 -11.05 -5.29 -12.45
N LYS A 160 -10.46 -4.33 -11.76
CA LYS A 160 -11.08 -3.05 -11.46
C LYS A 160 -10.25 -1.89 -12.00
N ASN A 161 -10.90 -0.74 -12.16
CA ASN A 161 -10.23 0.45 -12.71
C ASN A 161 -9.81 1.42 -11.64
N ILE A 162 -8.73 2.18 -11.88
CA ILE A 162 -8.38 3.29 -10.99
C ILE A 162 -9.56 4.26 -10.90
N PRO A 163 -10.04 4.59 -9.70
CA PRO A 163 -11.26 5.39 -9.62
C PRO A 163 -11.02 6.91 -9.78
N ASN A 164 -9.86 7.39 -9.35
CA ASN A 164 -9.53 8.82 -9.35
C ASN A 164 -8.10 9.03 -8.88
N PHE A 165 -7.65 10.29 -8.95
CA PHE A 165 -6.27 10.60 -8.62
C PHE A 165 -6.03 10.63 -7.13
N LYS A 166 -7.06 10.68 -6.27
CA LYS A 166 -6.86 10.59 -4.82
C LYS A 166 -6.47 9.16 -4.43
N TRP A 167 -7.16 8.18 -5.03
CA TRP A 167 -6.75 6.78 -4.84
C TRP A 167 -5.29 6.65 -5.26
N LEU A 168 -4.93 7.25 -6.40
CA LEU A 168 -3.57 7.14 -6.90
C LEU A 168 -2.56 7.80 -5.98
N ALA A 169 -2.88 8.94 -5.39
CA ALA A 169 -2.00 9.51 -4.40
C ALA A 169 -1.79 8.63 -3.17
N GLY A 170 -2.83 7.97 -2.72
CA GLY A 170 -2.70 7.08 -1.56
C GLY A 170 -1.83 5.86 -1.95
N PHE A 171 -2.05 5.32 -3.16
CA PHE A 171 -1.34 4.11 -3.59
C PHE A 171 0.12 4.46 -3.80
N THR A 172 0.41 5.66 -4.34
CA THR A 172 1.80 6.06 -4.64
C THR A 172 2.47 6.38 -3.32
N SER A 173 1.71 6.89 -2.34
CA SER A 173 2.27 7.11 -1.01
C SER A 173 2.80 5.80 -0.42
N GLY A 174 2.15 4.70 -0.81
CA GLY A 174 2.62 3.36 -0.39
C GLY A 174 3.78 2.87 -1.26
N GLU A 175 3.55 2.80 -2.60
CA GLU A 175 4.41 2.03 -3.52
C GLU A 175 5.29 2.80 -4.45
N GLY A 176 5.15 4.11 -4.42
CA GLY A 176 5.86 4.99 -5.38
C GLY A 176 7.27 5.23 -4.97
N CYS A 177 8.04 5.74 -5.96
CA CYS A 177 9.43 6.16 -5.72
C CYS A 177 9.71 7.36 -6.61
N PHE A 178 10.25 8.40 -5.97
CA PHE A 178 10.67 9.60 -6.71
C PHE A 178 12.18 9.60 -6.70
N PHE A 179 12.77 9.19 -7.82
CA PHE A 179 14.20 8.88 -7.85
C PHE A 179 15.00 9.92 -8.72
N VAL A 180 16.20 10.29 -8.27
CA VAL A 180 17.08 11.17 -9.04
C VAL A 180 18.27 10.32 -9.44
N ASN A 181 18.32 9.99 -10.72
CA ASN A 181 19.39 9.13 -11.22
C ASN A 181 20.55 10.02 -11.69
N LEU A 182 21.73 9.79 -11.19
CA LEU A 182 22.92 10.59 -11.55
C LEU A 182 23.83 9.71 -12.41
N ILE A 183 23.66 9.82 -13.73
CA ILE A 183 24.23 8.90 -14.70
C ILE A 183 25.60 9.40 -15.13
N LYS A 184 26.63 8.57 -15.03
CA LYS A 184 27.92 8.95 -15.62
C LYS A 184 27.75 9.10 -17.12
N SER A 185 28.20 10.25 -17.63
CA SER A 185 27.81 10.67 -19.00
C SER A 185 29.00 11.26 -19.75
N LYS A 186 29.00 11.13 -21.08
CA LYS A 186 30.03 11.75 -21.94
C LYS A 186 29.61 13.15 -22.26
N SER A 187 29.35 13.92 -21.23
CA SER A 187 28.78 15.24 -21.38
C SER A 187 29.72 16.19 -20.73
N LYS A 188 29.49 17.48 -20.92
CA LYS A 188 30.42 18.46 -20.37
C LYS A 188 30.59 18.35 -18.86
N LEU A 189 29.49 18.18 -18.12
CA LEU A 189 29.60 18.08 -16.68
C LEU A 189 29.95 16.66 -16.19
N GLY A 190 29.82 15.67 -17.07
CA GLY A 190 30.21 14.29 -16.75
C GLY A 190 29.10 13.51 -16.09
N VAL A 191 27.99 14.18 -15.83
CA VAL A 191 26.86 13.61 -15.07
C VAL A 191 25.58 14.06 -15.74
N GLN A 192 24.75 13.10 -16.12
CA GLN A 192 23.43 13.34 -16.65
C GLN A 192 22.42 13.19 -15.50
N VAL A 193 21.58 14.18 -15.29
CA VAL A 193 20.54 14.10 -14.24
C VAL A 193 19.28 13.55 -14.86
N GLN A 194 18.74 12.42 -14.36
CA GLN A 194 17.52 11.86 -14.91
C GLN A 194 16.52 11.63 -13.77
N LEU A 195 15.36 12.25 -13.85
CA LEU A 195 14.28 11.95 -12.88
C LEU A 195 13.53 10.73 -13.31
N VAL A 196 13.25 9.86 -12.34
CA VAL A 196 12.55 8.60 -12.60
C VAL A 196 11.41 8.48 -11.61
N PHE A 197 10.18 8.36 -12.12
CA PHE A 197 9.05 8.01 -11.28
C PHE A 197 8.74 6.54 -11.42
N SER A 198 8.51 5.83 -10.30
CA SER A 198 8.06 4.45 -10.47
C SER A 198 7.00 4.11 -9.44
N ILE A 199 6.16 3.16 -9.82
CA ILE A 199 5.23 2.51 -8.92
C ILE A 199 5.51 1.01 -9.09
N THR A 200 5.75 0.28 -7.98
CA THR A 200 6.16 -1.14 -8.04
C THR A 200 5.06 -2.07 -7.53
N GLN A 201 4.90 -3.22 -8.18
CA GLN A 201 3.84 -4.15 -7.69
C GLN A 201 4.07 -5.55 -8.25
N HIS A 202 3.68 -6.57 -7.46
CA HIS A 202 3.68 -7.97 -7.91
C HIS A 202 2.92 -8.13 -9.25
N ILE A 203 3.34 -9.10 -10.08
CA ILE A 203 2.65 -9.41 -11.35
C ILE A 203 1.20 -9.82 -11.24
N LYS A 204 0.70 -10.13 -10.05
CA LYS A 204 -0.73 -10.47 -9.92
C LYS A 204 -1.62 -9.26 -10.32
N ASP A 205 -1.07 -8.05 -10.24
CA ASP A 205 -1.86 -6.90 -10.65
C ASP A 205 -1.32 -6.27 -11.92
N LYS A 206 -0.81 -7.13 -12.81
CA LYS A 206 -0.35 -6.57 -14.11
C LYS A 206 -1.40 -5.76 -14.85
N ASN A 207 -2.68 -6.13 -14.85
CA ASN A 207 -3.67 -5.39 -15.62
C ASN A 207 -3.82 -3.99 -15.06
N LEU A 208 -3.86 -3.86 -13.73
CA LEU A 208 -3.96 -2.54 -13.11
C LEU A 208 -2.71 -1.73 -13.45
N MET A 209 -1.54 -2.36 -13.39
CA MET A 209 -0.32 -1.62 -13.57
C MET A 209 -0.27 -1.11 -15.02
N ASN A 210 -0.73 -1.94 -15.98
CA ASN A 210 -0.65 -1.50 -17.39
C ASN A 210 -1.56 -0.29 -17.55
N SER A 211 -2.65 -0.24 -16.81
CA SER A 211 -3.65 0.80 -17.03
C SER A 211 -3.10 2.15 -16.56
N LEU A 212 -2.01 2.15 -15.79
CA LEU A 212 -1.42 3.44 -15.39
C LEU A 212 -0.96 4.22 -16.64
N ILE A 213 -0.47 3.49 -17.64
CA ILE A 213 -0.01 4.16 -18.88
C ILE A 213 -1.14 4.98 -19.50
N THR A 214 -2.36 4.44 -19.60
CA THR A 214 -3.40 5.27 -20.19
C THR A 214 -3.96 6.26 -19.17
N TYR A 215 -3.93 5.92 -17.88
CA TYR A 215 -4.55 6.81 -16.93
C TYR A 215 -3.76 8.10 -16.77
N LEU A 216 -2.44 7.97 -16.78
CA LEU A 216 -1.53 9.12 -16.68
C LEU A 216 -1.06 9.62 -18.04
N GLY A 217 -1.25 8.85 -19.11
CA GLY A 217 -0.87 9.29 -20.44
C GLY A 217 0.61 9.34 -20.67
N CYS A 218 1.38 8.47 -20.02
CA CYS A 218 2.82 8.38 -20.20
C CYS A 218 3.35 7.07 -19.56
N GLY A 219 4.62 6.84 -19.76
CA GLY A 219 5.30 5.76 -19.05
C GLY A 219 5.30 4.42 -19.74
N TYR A 220 5.81 3.41 -19.03
CA TYR A 220 5.94 2.09 -19.59
C TYR A 220 6.10 1.09 -18.45
N ILE A 221 6.01 -0.19 -18.78
CA ILE A 221 6.15 -1.25 -17.76
C ILE A 221 7.50 -1.93 -17.92
N LYS A 222 8.20 -2.11 -16.79
CA LYS A 222 9.40 -2.92 -16.69
C LYS A 222 9.09 -4.17 -15.87
N GLU A 223 9.59 -5.29 -16.33
CA GLU A 223 9.42 -6.57 -15.65
C GLU A 223 10.68 -6.94 -14.89
N TYR A 224 10.47 -7.56 -13.71
CA TYR A 224 11.55 -7.88 -12.80
C TYR A 224 11.40 -9.31 -12.32
N ASN A 225 12.55 -9.95 -12.04
CA ASN A 225 12.59 -11.25 -11.39
C ASN A 225 13.80 -11.40 -10.47
N LYS A 226 13.60 -12.13 -9.38
CA LYS A 226 14.66 -12.38 -8.39
C LYS A 226 14.26 -13.70 -7.75
N SER A 227 15.14 -14.72 -7.81
CA SER A 227 14.82 -16.00 -7.14
C SER A 227 13.48 -16.55 -7.69
N GLU A 228 12.55 -16.91 -6.84
CA GLU A 228 11.24 -17.42 -7.28
C GLU A 228 10.19 -16.34 -7.57
N PHE A 229 10.60 -15.08 -7.52
CA PHE A 229 9.63 -13.99 -7.44
C PHE A 229 9.66 -13.10 -8.66
N SER A 230 8.47 -12.63 -9.03
CA SER A 230 8.33 -11.72 -10.17
C SER A 230 7.53 -10.50 -9.78
N TRP A 231 7.90 -9.33 -10.29
CA TRP A 231 7.08 -8.14 -10.07
C TRP A 231 7.30 -7.20 -11.30
N LEU A 232 6.60 -6.09 -11.24
CA LEU A 232 6.59 -5.09 -12.32
C LEU A 232 6.81 -3.72 -11.74
N ALA A 233 7.22 -2.79 -12.60
CA ALA A 233 7.17 -1.38 -12.22
C ALA A 233 6.63 -0.57 -13.41
N PHE A 234 5.70 0.32 -13.09
CA PHE A 234 5.32 1.43 -14.00
C PHE A 234 6.39 2.47 -13.81
N VAL A 235 7.00 2.91 -14.92
CA VAL A 235 8.21 3.78 -14.92
C VAL A 235 7.98 4.94 -15.86
N VAL A 236 8.35 6.14 -15.43
CA VAL A 236 8.37 7.31 -16.34
C VAL A 236 9.76 7.85 -16.26
N THR A 237 10.40 7.99 -17.42
CA THR A 237 11.70 8.66 -17.52
C THR A 237 11.75 9.88 -18.42
N LYS A 238 10.68 10.17 -19.14
CA LYS A 238 10.71 11.32 -20.05
C LYS A 238 10.42 12.58 -19.25
N PHE A 239 11.32 13.57 -19.33
CA PHE A 239 11.21 14.72 -18.43
C PHE A 239 9.93 15.48 -18.67
N SER A 240 9.52 15.74 -19.92
CA SER A 240 8.26 16.47 -20.10
C SER A 240 7.00 15.77 -19.50
N ASP A 241 7.04 14.43 -19.49
CA ASP A 241 5.94 13.69 -18.89
C ASP A 241 5.96 13.80 -17.37
N ILE A 242 7.16 13.72 -16.78
CA ILE A 242 7.32 13.95 -15.36
C ILE A 242 6.84 15.36 -14.98
N ASN A 243 7.28 16.36 -15.76
CA ASN A 243 6.99 17.72 -15.39
C ASN A 243 5.52 18.13 -15.64
N ASP A 244 4.95 17.67 -16.74
CA ASP A 244 3.59 18.05 -17.12
C ASP A 244 2.49 17.11 -16.72
N LYS A 245 2.83 15.84 -16.45
CA LYS A 245 1.78 14.87 -16.14
C LYS A 245 1.89 14.38 -14.68
N ILE A 246 3.08 14.02 -14.24
CA ILE A 246 3.18 13.37 -12.93
C ILE A 246 3.17 14.39 -11.80
N ILE A 247 4.06 15.39 -11.93
CA ILE A 247 4.19 16.40 -10.88
C ILE A 247 2.85 17.12 -10.61
N PRO A 248 2.12 17.55 -11.64
CA PRO A 248 0.85 18.24 -11.31
C PRO A 248 -0.17 17.36 -10.58
N VAL A 249 -0.19 16.06 -10.88
CA VAL A 249 -1.10 15.13 -10.21
C VAL A 249 -0.82 15.13 -8.74
N PHE A 250 0.44 14.98 -8.34
CA PHE A 250 0.63 14.97 -6.88
C PHE A 250 0.78 16.34 -6.21
N GLN A 251 0.96 17.40 -7.01
CA GLN A 251 0.80 18.73 -6.44
C GLN A 251 -0.66 18.97 -6.04
N GLU A 252 -1.59 18.54 -6.88
CA GLU A 252 -3.02 18.68 -6.60
C GLU A 252 -3.55 17.70 -5.53
N ASN A 253 -3.06 16.47 -5.61
CA ASN A 253 -3.47 15.37 -4.71
C ASN A 253 -2.34 14.96 -3.80
N THR A 254 -2.28 15.57 -2.62
CA THR A 254 -1.10 15.57 -1.76
C THR A 254 -0.80 14.13 -1.22
N LEU A 255 0.47 13.73 -1.41
CA LEU A 255 0.98 12.52 -0.81
C LEU A 255 0.97 12.60 0.72
N ILE A 256 1.05 11.44 1.34
CA ILE A 256 1.14 11.38 2.79
C ILE A 256 2.42 10.68 3.18
N GLY A 257 2.86 10.97 4.40
CA GLY A 257 4.04 10.36 4.96
C GLY A 257 5.36 11.02 4.55
N VAL A 258 6.48 10.45 4.99
CA VAL A 258 7.81 10.98 4.64
C VAL A 258 7.98 11.08 3.09
N LYS A 259 7.30 10.21 2.34
CA LYS A 259 7.45 10.25 0.91
C LYS A 259 7.01 11.60 0.31
N LEU A 260 6.09 12.33 0.96
CA LEU A 260 5.81 13.72 0.56
C LEU A 260 7.05 14.57 0.53
N GLU A 261 7.90 14.45 1.55
CA GLU A 261 9.15 15.19 1.57
C GLU A 261 10.05 14.79 0.41
N ASP A 262 10.09 13.49 0.10
CA ASP A 262 10.88 13.11 -1.08
C ASP A 262 10.31 13.64 -2.37
N PHE A 263 9.01 13.62 -2.53
CA PHE A 263 8.41 14.22 -3.69
C PHE A 263 8.72 15.70 -3.82
N GLU A 264 8.64 16.41 -2.68
CA GLU A 264 8.91 17.87 -2.77
C GLU A 264 10.37 18.16 -3.09
N ASP A 265 11.30 17.36 -2.57
CA ASP A 265 12.71 17.49 -2.98
C ASP A 265 12.91 17.16 -4.51
N TRP A 266 12.23 16.14 -5.01
CA TRP A 266 12.25 15.75 -6.40
C TRP A 266 11.74 16.87 -7.29
N CYS A 267 10.66 17.55 -6.84
CA CYS A 267 10.14 18.71 -7.58
C CYS A 267 11.15 19.87 -7.58
N LYS A 268 11.94 20.04 -6.53
CA LYS A 268 12.99 21.07 -6.62
C LYS A 268 13.92 20.73 -7.79
N VAL A 269 14.30 19.46 -7.91
CA VAL A 269 15.18 19.07 -9.05
C VAL A 269 14.49 19.31 -10.39
N ALA A 270 13.22 18.94 -10.53
CA ALA A 270 12.47 19.21 -11.78
C ALA A 270 12.47 20.71 -12.11
N LYS A 271 12.34 21.57 -11.11
CA LYS A 271 12.32 23.04 -11.43
C LYS A 271 13.69 23.43 -11.97
N LEU A 272 14.76 22.88 -11.38
CA LEU A 272 16.10 23.21 -11.86
C LEU A 272 16.26 22.70 -13.29
N ILE A 273 15.72 21.54 -13.62
CA ILE A 273 15.86 20.98 -14.96
C ILE A 273 15.06 21.79 -15.96
N GLU A 274 13.89 22.25 -15.57
CA GLU A 274 13.05 23.08 -16.44
C GLU A 274 13.81 24.35 -16.81
N GLU A 275 14.56 24.88 -15.84
CA GLU A 275 15.35 26.11 -16.02
C GLU A 275 16.72 25.86 -16.65
N LYS A 276 17.05 24.60 -17.04
CA LYS A 276 18.35 24.14 -17.56
C LYS A 276 19.51 24.32 -16.61
N LYS A 277 19.22 24.48 -15.33
CA LYS A 277 20.27 24.67 -14.35
C LYS A 277 21.00 23.34 -14.06
N HIS A 278 20.37 22.19 -14.39
CA HIS A 278 21.06 20.91 -14.22
C HIS A 278 22.30 20.73 -15.12
N LEU A 279 22.46 21.61 -16.11
CA LEU A 279 23.61 21.63 -16.99
C LEU A 279 24.62 22.70 -16.58
N THR A 280 24.44 23.34 -15.43
CA THR A 280 25.42 24.24 -14.84
C THR A 280 26.10 23.61 -13.62
N GLU A 281 27.30 24.05 -13.27
CA GLU A 281 27.99 23.56 -12.10
C GLU A 281 27.20 23.79 -10.80
N SER A 282 26.67 24.97 -10.60
CA SER A 282 25.93 25.28 -9.38
C SER A 282 24.64 24.43 -9.27
N GLY A 283 23.94 24.28 -10.40
CA GLY A 283 22.72 23.48 -10.42
C GLY A 283 23.04 22.00 -10.10
N LEU A 284 24.05 21.44 -10.77
CA LEU A 284 24.45 20.06 -10.50
C LEU A 284 24.85 19.89 -9.04
N ASP A 285 25.57 20.87 -8.46
CA ASP A 285 25.94 20.78 -7.06
C ASP A 285 24.70 20.68 -6.15
N GLU A 286 23.69 21.49 -6.44
CA GLU A 286 22.48 21.54 -5.63
C GLU A 286 21.78 20.18 -5.76
N ILE A 287 21.72 19.67 -6.97
CA ILE A 287 21.03 18.41 -7.21
C ILE A 287 21.73 17.22 -6.54
N LYS A 288 23.05 17.19 -6.57
CA LYS A 288 23.83 16.18 -5.83
C LYS A 288 23.45 16.21 -4.32
N LYS A 289 23.35 17.42 -3.78
CA LYS A 289 23.06 17.50 -2.35
C LYS A 289 21.61 17.06 -2.02
N ILE A 290 20.72 17.37 -2.95
CA ILE A 290 19.33 16.96 -2.82
C ILE A 290 19.27 15.43 -2.83
N LYS A 291 19.96 14.79 -3.76
CA LYS A 291 20.01 13.34 -3.79
C LYS A 291 20.47 12.76 -2.42
N LEU A 292 21.57 13.33 -1.89
CA LEU A 292 22.10 12.81 -0.62
C LEU A 292 21.11 12.93 0.54
N ASN A 293 20.17 13.86 0.45
CA ASN A 293 19.22 14.10 1.57
C ASN A 293 17.80 13.64 1.33
N MET A 294 17.60 12.79 0.32
CA MET A 294 16.26 12.21 0.07
C MET A 294 16.33 10.70 0.09
N ASN A 295 15.12 10.10 0.13
CA ASN A 295 14.98 8.63 0.08
C ASN A 295 15.90 7.93 1.09
N LYS A 296 16.74 7.00 0.66
CA LYS A 296 17.56 6.27 1.59
C LYS A 296 18.56 7.18 2.28
N GLY A 297 18.91 8.31 1.65
CA GLY A 297 19.86 9.23 2.27
C GLY A 297 19.29 10.10 3.37
N ARG A 298 17.97 10.24 3.42
CA ARG A 298 17.31 11.04 4.47
C ARG A 298 17.59 10.43 5.81
N VAL A 299 17.95 11.27 6.78
CA VAL A 299 18.22 10.85 8.14
C VAL A 299 16.93 10.51 8.84
N PHE A 300 16.99 9.50 9.71
CA PHE A 300 15.90 9.32 10.66
C PHE A 300 16.48 8.86 11.98
#